data_9V91
#
_entry.id   9V91
#
_entity_poly.entity_id   1
_entity_poly.type   'polypeptide(L)'
_entity_poly.pdbx_seq_one_letter_code
;QSVVTQPPSASGTPGQRVTISCSGSTSNIGGNTVNWFQHLPGTAPKLLIYSNNQRPSGVPDRFSASKSGTSASLAISGLQ
SEDEAHYYCAAWDDSLNGPLFGGGTKVTVL
;
_entity_poly.pdbx_strand_id   A,B,C,D,E,F
#
# COMPACT_ATOMS: atom_id res chain seq x y z
N GLN A 16 -50.50 -32.56 21.45
CA GLN A 16 -49.14 -32.15 21.77
C GLN A 16 -48.56 -31.24 20.70
N ARG A 17 -47.49 -30.52 21.04
CA ARG A 17 -46.84 -29.58 20.13
C ARG A 17 -45.33 -29.78 20.16
N VAL A 18 -44.90 -31.04 20.03
CA VAL A 18 -43.48 -31.36 20.03
C VAL A 18 -42.80 -30.67 18.85
N THR A 19 -41.70 -29.97 19.13
CA THR A 19 -40.97 -29.22 18.12
C THR A 19 -39.50 -29.64 18.17
N ILE A 20 -39.00 -30.19 17.08
CA ILE A 20 -37.61 -30.59 16.95
C ILE A 20 -36.99 -29.78 15.81
N SER A 21 -35.85 -29.15 16.09
CA SER A 21 -35.18 -28.29 15.11
C SER A 21 -33.68 -28.50 15.23
N CYS A 22 -33.12 -29.25 14.28
CA CYS A 22 -31.67 -29.41 14.19
C CYS A 22 -31.07 -28.21 13.48
N SER A 23 -29.76 -28.22 13.29
CA SER A 23 -29.06 -27.16 12.57
C SER A 23 -28.07 -27.79 11.61
N GLY A 24 -27.35 -26.96 10.88
CA GLY A 24 -26.42 -27.41 9.86
C GLY A 24 -25.21 -26.52 9.79
N SER A 25 -24.50 -26.59 8.66
CA SER A 25 -23.27 -25.83 8.46
C SER A 25 -23.58 -24.61 7.59
N THR A 26 -24.04 -23.55 8.25
CA THR A 26 -24.32 -22.28 7.59
C THR A 26 -23.05 -21.43 7.59
N SER A 27 -22.62 -21.01 6.40
CA SER A 27 -21.38 -20.28 6.25
C SER A 27 -21.60 -19.03 5.42
N ASN A 28 -20.83 -17.99 5.72
CA ASN A 28 -20.87 -16.74 4.96
C ASN A 28 -19.49 -16.10 5.08
N ILE A 29 -18.84 -15.87 3.94
CA ILE A 29 -17.44 -15.44 3.95
C ILE A 29 -17.36 -13.92 3.85
N GLY A 30 -17.83 -13.36 2.74
CA GLY A 30 -17.92 -11.92 2.60
C GLY A 30 -16.62 -11.22 2.25
N GLY A 31 -16.66 -10.35 1.24
CA GLY A 31 -15.50 -9.53 0.89
C GLY A 31 -14.48 -10.25 0.03
N ASN A 32 -13.74 -11.17 0.63
CA ASN A 32 -12.71 -11.98 -0.04
C ASN A 32 -11.61 -11.05 -0.55
N THR A 33 -11.31 -11.05 -1.85
CA THR A 33 -10.13 -10.35 -2.40
C THR A 33 -8.87 -10.80 -1.68
N VAL A 34 -8.58 -12.10 -1.78
CA VAL A 34 -7.49 -12.68 -1.00
C VAL A 34 -6.15 -12.46 -1.69
N ASN A 35 -6.16 -12.24 -3.01
CA ASN A 35 -5.00 -11.77 -3.77
C ASN A 35 -3.85 -12.78 -3.82
N TRP A 36 -3.94 -13.84 -3.02
CA TRP A 36 -2.90 -14.88 -2.97
C TRP A 36 -1.49 -14.33 -2.74
N PHE A 37 -0.51 -14.92 -3.43
CA PHE A 37 0.89 -14.52 -3.27
C PHE A 37 1.42 -13.97 -4.58
N GLN A 38 1.72 -12.67 -4.61
CA GLN A 38 2.10 -11.98 -5.83
C GLN A 38 3.47 -11.32 -5.68
N HIS A 39 4.06 -10.97 -6.81
CA HIS A 39 5.35 -10.26 -6.88
C HIS A 39 6.45 -11.07 -6.18
N LEU A 40 6.70 -12.25 -6.73
CA LEU A 40 7.73 -13.15 -6.20
C LEU A 40 8.87 -13.29 -7.21
N PRO A 41 9.95 -12.52 -7.09
CA PRO A 41 11.13 -12.75 -7.91
C PRO A 41 11.64 -14.18 -7.78
N GLY A 42 12.58 -14.52 -8.68
CA GLY A 42 12.99 -15.89 -8.91
C GLY A 42 13.28 -16.76 -7.69
N THR A 43 12.45 -17.78 -7.49
CA THR A 43 12.62 -18.77 -6.44
C THR A 43 12.93 -20.12 -7.08
N ALA A 44 12.97 -21.17 -6.26
CA ALA A 44 13.23 -22.51 -6.76
C ALA A 44 12.61 -23.56 -5.86
N PRO A 45 11.28 -23.74 -5.90
CA PRO A 45 10.64 -24.79 -5.08
C PRO A 45 11.00 -26.16 -5.62
N LYS A 46 11.57 -27.00 -4.75
CA LYS A 46 11.98 -28.35 -5.10
C LYS A 46 11.54 -29.34 -4.02
N LEU A 47 10.29 -29.25 -3.62
CA LEU A 47 9.77 -30.13 -2.57
C LEU A 47 9.66 -31.58 -3.08
N LEU A 48 9.52 -32.50 -2.13
CA LEU A 48 9.39 -33.91 -2.46
C LEU A 48 8.68 -34.61 -1.31
N ILE A 49 7.71 -35.46 -1.65
CA ILE A 49 6.93 -36.20 -0.67
C ILE A 49 6.99 -37.68 -1.00
N TYR A 50 7.21 -38.51 0.01
CA TYR A 50 7.30 -39.96 -0.19
C TYR A 50 6.91 -40.64 1.12
N SER A 51 5.74 -41.28 1.14
CA SER A 51 5.23 -41.95 2.32
C SER A 51 5.13 -43.44 2.09
N ASN A 52 5.15 -44.19 3.20
CA ASN A 52 5.09 -45.65 3.14
C ASN A 52 4.21 -46.24 4.24
N ASN A 53 3.42 -45.41 4.94
CA ASN A 53 2.58 -45.88 6.03
C ASN A 53 1.35 -45.00 6.20
N GLN A 54 0.84 -44.92 7.44
CA GLN A 54 -0.38 -44.20 7.81
C GLN A 54 -1.65 -44.83 7.25
N ARG A 55 -1.94 -46.07 7.67
CA ARG A 55 -3.18 -46.76 7.34
C ARG A 55 -4.14 -46.73 8.53
N PRO A 56 -5.06 -45.78 8.59
CA PRO A 56 -6.01 -45.71 9.71
C PRO A 56 -7.14 -46.72 9.51
N SER A 57 -8.06 -46.73 10.48
CA SER A 57 -9.21 -47.62 10.45
C SER A 57 -10.22 -47.15 11.49
N GLY A 58 -11.37 -47.82 11.53
CA GLY A 58 -12.41 -47.53 12.50
C GLY A 58 -13.55 -48.52 12.40
N VAL A 59 -13.99 -49.09 13.52
CA VAL A 59 -15.00 -50.14 13.49
C VAL A 59 -16.15 -49.83 14.46
N PRO A 60 -17.01 -48.85 14.16
CA PRO A 60 -18.21 -48.66 14.98
C PRO A 60 -19.18 -49.82 14.81
N ASP A 61 -19.94 -50.11 15.87
CA ASP A 61 -20.90 -51.21 15.84
C ASP A 61 -22.35 -50.74 15.96
N ARG A 62 -22.68 -50.02 17.03
CA ARG A 62 -24.06 -49.61 17.23
C ARG A 62 -24.31 -48.20 16.68
N PHE A 63 -23.61 -47.20 17.22
CA PHE A 63 -23.64 -45.89 16.63
C PHE A 63 -22.57 -45.79 15.55
N SER A 64 -22.49 -44.65 14.87
CA SER A 64 -21.54 -44.49 13.79
C SER A 64 -21.11 -43.05 13.55
N ALA A 65 -20.73 -42.76 12.31
CA ALA A 65 -20.11 -41.51 11.85
C ALA A 65 -18.66 -41.41 12.28
N SER A 66 -17.93 -42.52 12.17
CA SER A 66 -16.48 -42.46 12.20
C SER A 66 -15.97 -41.77 10.94
N LYS A 67 -14.78 -41.17 11.03
CA LYS A 67 -14.26 -40.41 9.89
C LYS A 67 -12.75 -40.63 9.83
N SER A 68 -12.34 -41.58 8.99
CA SER A 68 -10.93 -41.81 8.74
C SER A 68 -10.39 -40.76 7.77
N GLY A 69 -9.15 -40.34 8.01
CA GLY A 69 -8.53 -39.34 7.17
C GLY A 69 -7.02 -39.43 7.16
N THR A 70 -6.44 -39.42 5.96
CA THR A 70 -4.99 -39.53 5.79
C THR A 70 -4.53 -38.48 4.79
N SER A 71 -3.35 -37.91 5.04
CA SER A 71 -2.80 -36.91 4.14
C SER A 71 -1.29 -36.85 4.32
N ALA A 72 -0.60 -36.54 3.23
CA ALA A 72 0.82 -36.24 3.23
C ALA A 72 1.08 -34.96 2.43
N SER A 73 0.15 -34.03 2.49
CA SER A 73 0.12 -32.87 1.62
C SER A 73 1.08 -31.80 2.14
N LEU A 74 0.91 -30.57 1.62
CA LEU A 74 1.61 -29.41 2.15
C LEU A 74 0.71 -28.53 2.99
N ALA A 75 -0.60 -28.59 2.77
CA ALA A 75 -1.62 -28.02 3.66
C ALA A 75 -1.44 -26.51 3.84
N ILE A 76 -1.63 -25.80 2.74
CA ILE A 76 -1.80 -24.34 2.75
C ILE A 76 -3.27 -24.05 2.50
N SER A 77 -3.89 -23.32 3.43
CA SER A 77 -5.31 -23.03 3.36
C SER A 77 -5.53 -21.52 3.28
N GLY A 78 -6.36 -21.09 2.35
CA GLY A 78 -6.69 -19.68 2.22
C GLY A 78 -7.99 -19.32 2.89
N LEU A 79 -9.05 -20.09 2.62
CA LEU A 79 -10.36 -19.82 3.19
C LEU A 79 -11.21 -21.07 3.09
N GLN A 80 -11.67 -21.58 4.23
CA GLN A 80 -12.62 -22.68 4.32
C GLN A 80 -12.11 -23.92 3.58
N SER A 81 -11.00 -24.45 4.11
CA SER A 81 -10.41 -25.70 3.61
C SER A 81 -10.83 -26.89 4.46
N GLU A 82 -12.07 -26.88 4.95
CA GLU A 82 -12.54 -27.91 5.87
C GLU A 82 -12.67 -29.26 5.16
N ASP A 83 -12.92 -30.29 5.94
CA ASP A 83 -13.15 -31.64 5.45
C ASP A 83 -14.37 -32.17 6.22
N GLU A 84 -15.45 -31.41 6.17
CA GLU A 84 -16.61 -31.66 7.03
C GLU A 84 -17.27 -33.00 6.71
N ALA A 85 -17.93 -33.55 7.73
CA ALA A 85 -18.70 -34.79 7.59
C ALA A 85 -19.75 -34.78 8.70
N HIS A 86 -21.02 -34.70 8.31
CA HIS A 86 -22.11 -34.48 9.26
C HIS A 86 -23.00 -35.70 9.37
N TYR A 87 -23.59 -35.86 10.55
CA TYR A 87 -24.57 -36.92 10.81
C TYR A 87 -25.47 -36.39 11.93
N TYR A 88 -26.66 -35.91 11.56
CA TYR A 88 -27.45 -35.05 12.41
C TYR A 88 -28.80 -35.68 12.74
N CYS A 89 -29.17 -35.64 14.01
CA CYS A 89 -30.51 -35.98 14.50
C CYS A 89 -30.91 -37.40 14.08
N ALA A 90 -30.17 -38.36 14.63
CA ALA A 90 -30.47 -39.77 14.45
C ALA A 90 -31.40 -40.26 15.56
N ALA A 91 -32.07 -41.37 15.29
CA ALA A 91 -33.02 -41.94 16.24
C ALA A 91 -33.11 -43.45 16.04
N TRP A 92 -33.59 -44.14 17.07
CA TRP A 92 -33.74 -45.58 17.04
C TRP A 92 -34.69 -45.98 18.17
N ASP A 93 -35.78 -46.66 17.82
CA ASP A 93 -36.79 -47.07 18.79
C ASP A 93 -36.90 -48.57 18.94
N ASP A 94 -36.93 -49.32 17.84
CA ASP A 94 -37.04 -50.78 17.86
C ASP A 94 -38.28 -51.23 18.64
N SER A 95 -39.39 -50.54 18.43
CA SER A 95 -40.64 -50.87 19.11
C SER A 95 -41.21 -52.19 18.60
N GLN B 16 -48.58 -32.40 25.78
CA GLN B 16 -47.23 -31.98 26.11
C GLN B 16 -46.67 -31.05 25.04
N ARG B 17 -45.61 -30.32 25.38
CA ARG B 17 -44.97 -29.36 24.48
C ARG B 17 -43.45 -29.54 24.51
N VAL B 18 -43.01 -30.79 24.36
CA VAL B 18 -41.58 -31.09 24.36
C VAL B 18 -40.91 -30.37 23.19
N THR B 19 -39.83 -29.66 23.47
CA THR B 19 -39.10 -28.90 22.46
C THR B 19 -37.64 -29.30 22.51
N ILE B 20 -37.13 -29.83 21.41
CA ILE B 20 -35.72 -30.21 21.27
C ILE B 20 -35.12 -29.39 20.15
N SER B 21 -34.00 -28.73 20.43
CA SER B 21 -33.34 -27.87 19.45
C SER B 21 -31.83 -28.05 19.56
N CYS B 22 -31.26 -28.79 18.61
CA CYS B 22 -29.81 -28.94 18.53
C CYS B 22 -29.23 -27.71 17.81
N SER B 23 -27.91 -27.70 17.63
CA SER B 23 -27.24 -26.63 16.91
C SER B 23 -26.24 -27.24 15.94
N GLY B 24 -25.55 -26.39 15.21
CA GLY B 24 -24.61 -26.82 14.20
C GLY B 24 -23.40 -25.92 14.12
N SER B 25 -22.70 -25.96 12.99
CA SER B 25 -21.48 -25.18 12.79
C SER B 25 -21.82 -23.97 11.93
N THR B 26 -22.28 -22.91 12.60
CA THR B 26 -22.59 -21.65 11.94
C THR B 26 -21.33 -20.79 11.95
N SER B 27 -20.90 -20.35 10.76
CA SER B 27 -19.68 -19.59 10.62
C SER B 27 -19.92 -18.34 9.77
N ASN B 28 -19.16 -17.30 10.08
CA ASN B 28 -19.22 -16.04 9.34
C ASN B 28 -17.86 -15.38 9.46
N ILE B 29 -17.21 -15.13 8.32
CA ILE B 29 -15.83 -14.69 8.33
C ILE B 29 -15.76 -13.17 8.23
N GLY B 30 -16.24 -12.61 7.12
CA GLY B 30 -16.35 -11.17 6.99
C GLY B 30 -15.07 -10.45 6.64
N GLY B 31 -15.13 -9.57 5.64
CA GLY B 31 -13.98 -8.73 5.29
C GLY B 31 -12.94 -9.43 4.43
N ASN B 32 -12.18 -10.34 5.03
CA ASN B 32 -11.15 -11.14 4.35
C ASN B 32 -10.07 -10.19 3.85
N THR B 33 -9.75 -10.17 2.54
CA THR B 33 -8.60 -9.45 1.99
C THR B 33 -7.32 -9.88 2.71
N VAL B 34 -7.02 -11.18 2.60
CA VAL B 34 -5.92 -11.74 3.38
C VAL B 34 -4.58 -11.51 2.68
N ASN B 35 -4.60 -11.27 1.38
CA ASN B 35 -3.44 -10.79 0.62
C ASN B 35 -2.27 -11.78 0.56
N TRP B 36 -2.35 -12.85 1.35
CA TRP B 36 -1.30 -13.86 1.40
C TRP B 36 0.10 -13.30 1.62
N PHE B 37 1.09 -13.86 0.94
CA PHE B 37 2.48 -13.44 1.09
C PHE B 37 3.01 -12.87 -0.22
N GLN B 38 3.29 -11.58 -0.24
CA GLN B 38 3.66 -10.87 -1.46
C GLN B 38 5.01 -10.19 -1.30
N HIS B 39 5.60 -9.83 -2.43
CA HIS B 39 6.87 -9.10 -2.51
C HIS B 39 7.99 -9.88 -1.81
N LEU B 40 8.27 -11.07 -2.37
CA LEU B 40 9.31 -11.95 -1.85
C LEU B 40 10.44 -12.07 -2.85
N PRO B 41 11.51 -11.29 -2.72
CA PRO B 41 12.69 -11.49 -3.56
C PRO B 41 13.23 -12.91 -3.44
N GLY B 42 14.17 -13.24 -4.33
CA GLY B 42 14.60 -14.60 -4.56
C GLY B 42 14.90 -15.46 -3.36
N THR B 43 14.09 -16.50 -3.16
CA THR B 43 14.28 -17.49 -2.11
C THR B 43 14.60 -18.84 -2.76
N ALA B 44 14.67 -19.89 -1.94
CA ALA B 44 14.96 -21.22 -2.45
C ALA B 44 14.34 -22.29 -1.55
N PRO B 45 13.02 -22.48 -1.59
CA PRO B 45 12.40 -23.55 -0.78
C PRO B 45 12.77 -24.92 -1.33
N LYS B 46 13.35 -25.74 -0.46
CA LYS B 46 13.80 -27.09 -0.81
C LYS B 46 13.37 -28.09 0.26
N LEU B 47 12.11 -28.03 0.67
CA LEU B 47 11.61 -28.91 1.71
C LEU B 47 11.53 -30.35 1.19
N LEU B 48 11.40 -31.28 2.14
CA LEU B 48 11.29 -32.70 1.80
C LEU B 48 10.59 -33.42 2.94
N ILE B 49 9.64 -34.29 2.61
CA ILE B 49 8.87 -35.04 3.59
C ILE B 49 8.95 -36.52 3.24
N TYR B 50 9.18 -37.35 4.26
CA TYR B 50 9.30 -38.78 4.05
C TYR B 50 8.92 -39.49 5.34
N SER B 51 7.77 -40.15 5.36
CA SER B 51 7.27 -40.82 6.55
C SER B 51 7.18 -42.33 6.32
N ASN B 52 7.23 -43.08 7.42
CA ASN B 52 7.18 -44.53 7.35
C ASN B 52 6.31 -45.13 8.45
N ASN B 53 5.51 -44.33 9.15
CA ASN B 53 4.68 -44.81 10.25
C ASN B 53 3.44 -43.95 10.42
N GLN B 54 2.92 -43.89 11.65
CA GLN B 54 1.70 -43.19 12.03
C GLN B 54 0.44 -43.84 11.47
N ARG B 55 0.16 -45.08 11.89
CA ARG B 55 -1.07 -45.79 11.56
C ARG B 55 -2.01 -45.78 12.75
N PRO B 56 -2.96 -44.84 12.80
CA PRO B 56 -3.90 -44.81 13.93
C PRO B 56 -5.03 -45.82 13.73
N SER B 57 -5.94 -45.85 14.70
CA SER B 57 -7.07 -46.77 14.67
C SER B 57 -8.09 -46.31 15.71
N GLY B 58 -9.23 -47.00 15.75
CA GLY B 58 -10.27 -46.74 16.72
C GLY B 58 -11.40 -47.73 16.62
N VAL B 59 -11.82 -48.32 17.74
CA VAL B 59 -12.83 -49.39 17.70
C VAL B 59 -13.97 -49.09 18.67
N PRO B 60 -14.85 -48.13 18.38
CA PRO B 60 -16.05 -47.96 19.20
C PRO B 60 -17.00 -49.14 19.03
N ASP B 61 -17.76 -49.44 20.08
CA ASP B 61 -18.70 -50.56 20.05
C ASP B 61 -20.15 -50.12 20.18
N ARG B 62 -20.50 -49.41 21.26
CA ARG B 62 -21.89 -49.02 21.45
C ARG B 62 -22.16 -47.61 20.92
N PHE B 63 -21.47 -46.61 21.45
CA PHE B 63 -21.53 -45.28 20.87
C PHE B 63 -20.45 -45.17 19.79
N SER B 64 -20.40 -44.02 19.12
CA SER B 64 -19.44 -43.84 18.03
C SER B 64 -19.05 -42.39 17.80
N ALA B 65 -18.66 -42.10 16.56
CA ALA B 65 -18.08 -40.83 16.11
C ALA B 65 -16.62 -40.71 16.55
N SER B 66 -15.88 -41.80 16.42
CA SER B 66 -14.42 -41.72 16.45
C SER B 66 -13.93 -41.02 15.20
N LYS B 67 -12.75 -40.41 15.29
CA LYS B 67 -12.24 -39.64 14.15
C LYS B 67 -10.72 -39.83 14.08
N SER B 68 -10.31 -40.77 13.23
CA SER B 68 -8.88 -40.97 12.98
C SER B 68 -8.37 -39.91 12.02
N GLY B 69 -7.13 -39.47 12.27
CA GLY B 69 -6.53 -38.45 11.43
C GLY B 69 -5.02 -38.52 11.40
N THR B 70 -4.44 -38.49 10.21
CA THR B 70 -3.00 -38.58 10.04
C THR B 70 -2.54 -37.52 9.04
N SER B 71 -1.38 -36.93 9.30
CA SER B 71 -0.84 -35.92 8.41
C SER B 71 0.67 -35.85 8.58
N ALA B 72 1.35 -35.51 7.49
CA ALA B 72 2.78 -35.19 7.48
C ALA B 72 3.01 -33.91 6.71
N SER B 73 2.06 -32.99 6.76
CA SER B 73 2.01 -31.82 5.90
C SER B 73 2.95 -30.74 6.42
N LEU B 74 2.77 -29.52 5.90
CA LEU B 74 3.45 -28.34 6.43
C LEU B 74 2.54 -27.48 7.29
N ALA B 75 1.22 -27.56 7.07
CA ALA B 75 0.20 -27.01 7.96
C ALA B 75 0.35 -25.50 8.15
N ILE B 76 0.15 -24.79 7.05
CA ILE B 76 -0.03 -23.34 7.07
C ILE B 76 -1.51 -23.06 6.82
N SER B 77 -2.14 -22.35 7.75
CA SER B 77 -3.57 -22.07 7.69
C SER B 77 -3.80 -20.58 7.62
N GLY B 78 -4.66 -20.15 6.68
CA GLY B 78 -5.00 -18.75 6.57
C GLY B 78 -6.31 -18.40 7.24
N LEU B 79 -7.35 -19.19 6.97
CA LEU B 79 -8.67 -18.95 7.54
C LEU B 79 -9.51 -20.21 7.43
N GLN B 80 -9.95 -20.73 8.58
CA GLN B 80 -10.89 -21.85 8.65
C GLN B 80 -10.35 -23.08 7.91
N SER B 81 -9.24 -23.59 8.43
CA SER B 81 -8.63 -24.83 7.94
C SER B 81 -9.03 -26.02 8.78
N GLU B 82 -10.27 -26.04 9.27
CA GLU B 82 -10.72 -27.08 10.18
C GLU B 82 -10.84 -28.42 9.46
N ASP B 83 -11.06 -29.47 10.25
CA ASP B 83 -11.28 -30.82 9.74
C ASP B 83 -12.48 -31.38 10.52
N GLU B 84 -13.58 -30.63 10.47
CA GLU B 84 -14.72 -30.91 11.33
C GLU B 84 -15.36 -32.25 11.01
N ALA B 85 -16.02 -32.82 12.02
CA ALA B 85 -16.76 -34.07 11.88
C ALA B 85 -17.81 -34.07 12.98
N HIS B 86 -19.09 -34.02 12.60
CA HIS B 86 -20.17 -33.82 13.55
C HIS B 86 -21.05 -35.06 13.66
N TYR B 87 -21.64 -35.23 14.85
CA TYR B 87 -22.60 -36.31 15.09
C TYR B 87 -23.51 -35.79 16.22
N TYR B 88 -24.70 -35.34 15.85
CA TYR B 88 -25.51 -34.48 16.71
C TYR B 88 -26.85 -35.14 17.03
N CYS B 89 -27.21 -35.12 18.32
CA CYS B 89 -28.55 -35.47 18.79
C CYS B 89 -28.93 -36.91 18.38
N ALA B 90 -28.17 -37.86 18.92
CA ALA B 90 -28.46 -39.27 18.73
C ALA B 90 -29.37 -39.78 19.83
N ALA B 91 -30.03 -40.90 19.56
CA ALA B 91 -30.95 -41.48 20.52
C ALA B 91 -31.02 -42.99 20.30
N TRP B 92 -31.49 -43.68 21.34
CA TRP B 92 -31.63 -45.15 21.30
C TRP B 92 -32.57 -45.56 22.41
N ASP B 93 -33.65 -46.25 22.07
CA ASP B 93 -34.65 -46.68 23.04
C ASP B 93 -34.74 -48.19 23.20
N ASP B 94 -34.76 -48.93 22.08
CA ASP B 94 -34.85 -50.39 22.10
C ASP B 94 -36.07 -50.87 22.87
N SER B 95 -37.19 -50.19 22.67
CA SER B 95 -38.44 -50.55 23.35
C SER B 95 -38.99 -51.87 22.83
N GLN C 16 -46.63 -32.13 30.16
CA GLN C 16 -45.27 -31.69 30.49
C GLN C 16 -44.73 -30.75 29.41
N ARG C 17 -43.68 -30.01 29.77
CA ARG C 17 -43.05 -29.03 28.87
C ARG C 17 -41.53 -29.20 28.89
N VAL C 18 -41.08 -30.44 28.73
CA VAL C 18 -39.63 -30.72 28.74
C VAL C 18 -38.98 -29.99 27.56
N THR C 19 -37.91 -29.28 27.85
CA THR C 19 -37.19 -28.49 26.83
C THR C 19 -35.72 -28.87 26.89
N ILE C 20 -35.21 -29.40 25.77
CA ILE C 20 -33.79 -29.76 25.64
C ILE C 20 -33.21 -28.92 24.52
N SER C 21 -32.09 -28.26 24.79
CA SER C 21 -31.45 -27.38 23.82
C SER C 21 -29.94 -27.55 23.93
N CYS C 22 -29.36 -28.27 22.97
CA CYS C 22 -27.90 -28.40 22.89
C CYS C 22 -27.34 -27.16 22.17
N SER C 23 -26.03 -27.14 21.99
CA SER C 23 -25.37 -26.06 21.28
C SER C 23 -24.36 -26.65 20.31
N GLY C 24 -23.68 -25.78 19.58
CA GLY C 24 -22.73 -26.20 18.56
C GLY C 24 -21.54 -25.28 18.49
N SER C 25 -20.84 -25.32 17.36
CA SER C 25 -19.63 -24.52 17.15
C SER C 25 -19.99 -23.30 16.31
N THR C 26 -20.47 -22.25 16.98
CA THR C 26 -20.78 -21.00 16.33
C THR C 26 -19.54 -20.11 16.34
N SER C 27 -19.12 -19.67 15.15
CA SER C 27 -17.89 -18.89 15.00
C SER C 27 -18.16 -17.64 14.18
N ASN C 28 -17.41 -16.59 14.49
CA ASN C 28 -17.49 -15.33 13.75
C ASN C 28 -16.13 -14.66 13.87
N ILE C 29 -15.48 -14.39 12.74
CA ILE C 29 -14.11 -13.93 12.75
C ILE C 29 -14.06 -12.41 12.66
N GLY C 30 -14.55 -11.85 11.55
CA GLY C 30 -14.68 -10.41 11.42
C GLY C 30 -13.40 -9.67 11.07
N GLY C 31 -13.47 -8.79 10.09
CA GLY C 31 -12.34 -7.95 9.74
C GLY C 31 -11.30 -8.62 8.87
N ASN C 32 -10.52 -9.53 9.47
CA ASN C 32 -9.48 -10.30 8.77
C ASN C 32 -8.42 -9.34 8.27
N THR C 33 -8.10 -9.31 6.98
CA THR C 33 -6.97 -8.58 6.43
C THR C 33 -5.67 -8.99 7.13
N VAL C 34 -5.36 -10.29 7.02
CA VAL C 34 -4.25 -10.84 7.79
C VAL C 34 -2.91 -10.59 7.09
N ASN C 35 -2.94 -10.35 5.78
CA ASN C 35 -1.79 -9.84 5.03
C ASN C 35 -0.61 -10.81 4.96
N TRP C 36 -0.67 -11.89 5.75
CA TRP C 36 0.39 -12.89 5.78
C TRP C 36 1.79 -12.31 6.01
N PHE C 37 2.78 -12.86 5.33
CA PHE C 37 4.17 -12.43 5.48
C PHE C 37 4.69 -11.85 4.17
N GLN C 38 4.95 -10.55 4.17
CA GLN C 38 5.31 -9.84 2.94
C GLN C 38 6.65 -9.14 3.10
N HIS C 39 7.23 -8.76 1.96
CA HIS C 39 8.50 -8.02 1.89
C HIS C 39 9.63 -8.79 2.59
N LEU C 40 9.91 -9.97 2.02
CA LEU C 40 10.96 -10.84 2.54
C LEU C 40 12.10 -10.94 1.53
N PRO C 41 13.16 -10.14 1.66
CA PRO C 41 14.35 -10.33 0.82
C PRO C 41 14.90 -11.75 0.94
N GLY C 42 15.84 -12.06 0.04
CA GLY C 42 16.29 -13.42 -0.21
C GLY C 42 16.60 -14.28 1.00
N THR C 43 15.81 -15.33 1.19
CA THR C 43 16.01 -16.32 2.23
C THR C 43 16.35 -17.66 1.57
N ALA C 44 16.43 -18.71 2.39
CA ALA C 44 16.72 -20.04 1.87
C ALA C 44 16.12 -21.13 2.76
N PRO C 45 14.80 -21.33 2.73
CA PRO C 45 14.19 -22.40 3.52
C PRO C 45 14.59 -23.77 2.98
N LYS C 46 15.18 -24.60 3.84
CA LYS C 46 15.63 -25.94 3.48
C LYS C 46 15.23 -26.95 4.54
N LEU C 47 13.97 -26.90 4.96
CA LEU C 47 13.48 -27.80 5.98
C LEU C 47 13.41 -29.23 5.47
N LEU C 48 13.29 -30.16 6.41
CA LEU C 48 13.21 -31.59 6.06
C LEU C 48 12.53 -32.32 7.21
N ILE C 49 11.58 -33.19 6.87
CA ILE C 49 10.81 -33.96 7.84
C ILE C 49 10.90 -35.44 7.49
N TYR C 50 11.15 -36.27 8.50
CA TYR C 50 11.29 -37.71 8.27
C TYR C 50 10.93 -38.42 9.58
N SER C 51 9.78 -39.10 9.60
CA SER C 51 9.28 -39.78 10.78
C SER C 51 9.22 -41.28 10.54
N ASN C 52 9.27 -42.05 11.63
CA ASN C 52 9.25 -43.50 11.56
C ASN C 52 8.38 -44.12 12.66
N ASN C 53 7.57 -43.32 13.36
CA ASN C 53 6.75 -43.82 14.45
C ASN C 53 5.50 -42.97 14.63
N GLN C 54 4.98 -42.93 15.88
CA GLN C 54 3.75 -42.24 16.25
C GLN C 54 2.50 -42.91 15.69
N ARG C 55 2.24 -44.15 16.11
CA ARG C 55 1.02 -44.88 15.77
C ARG C 55 0.08 -44.88 16.97
N PRO C 56 -0.89 -43.96 17.03
CA PRO C 56 -1.82 -43.93 18.16
C PRO C 56 -2.93 -44.97 17.96
N SER C 57 -3.85 -45.01 18.92
CA SER C 57 -4.97 -45.94 18.90
C SER C 57 -5.99 -45.50 19.94
N GLY C 58 -7.11 -46.20 19.97
CA GLY C 58 -8.16 -45.95 20.95
C GLY C 58 -9.28 -46.98 20.84
N VAL C 59 -9.69 -47.57 21.96
CA VAL C 59 -10.69 -48.64 21.92
C VAL C 59 -11.83 -48.36 22.90
N PRO C 60 -12.72 -47.41 22.61
CA PRO C 60 -13.92 -47.26 23.44
C PRO C 60 -14.86 -48.45 23.26
N ASP C 61 -15.61 -48.78 24.32
CA ASP C 61 -16.54 -49.90 24.27
C ASP C 61 -18.00 -49.47 24.40
N ARG C 62 -18.34 -48.77 25.49
CA ARG C 62 -19.74 -48.40 25.69
C ARG C 62 -20.02 -46.99 25.16
N PHE C 63 -19.35 -45.99 25.70
CA PHE C 63 -19.43 -44.65 25.13
C PHE C 63 -18.36 -44.53 24.05
N SER C 64 -18.32 -43.37 23.38
CA SER C 64 -17.36 -43.19 22.29
C SER C 64 -16.98 -41.72 22.08
N ALA C 65 -16.61 -41.41 20.83
CA ALA C 65 -16.03 -40.14 20.38
C ALA C 65 -14.58 -40.00 20.81
N SER C 66 -13.82 -41.09 20.69
CA SER C 66 -12.38 -41.00 20.71
C SER C 66 -11.89 -40.28 19.46
N LYS C 67 -10.72 -39.65 19.55
CA LYS C 67 -10.22 -38.87 18.43
C LYS C 67 -8.70 -39.04 18.35
N SER C 68 -8.27 -39.96 17.50
CA SER C 68 -6.86 -40.16 17.24
C SER C 68 -6.34 -39.08 16.28
N GLY C 69 -5.12 -38.63 16.52
CA GLY C 69 -4.53 -37.60 15.70
C GLY C 69 -3.02 -37.65 15.67
N THR C 70 -2.44 -37.61 14.47
CA THR C 70 -1.00 -37.68 14.29
C THR C 70 -0.56 -36.61 13.31
N SER C 71 0.60 -36.01 13.57
CA SER C 71 1.12 -34.99 12.68
C SER C 71 2.64 -34.90 12.85
N ALA C 72 3.31 -34.54 11.76
CA ALA C 72 4.73 -34.21 11.75
C ALA C 72 4.95 -32.93 10.98
N SER C 73 3.98 -32.02 11.05
CA SER C 73 3.93 -30.84 10.18
C SER C 73 4.85 -29.75 10.71
N LEU C 74 4.66 -28.52 10.21
CA LEU C 74 5.32 -27.35 10.74
C LEU C 74 4.40 -26.50 11.60
N ALA C 75 3.09 -26.59 11.38
CA ALA C 75 2.06 -26.07 12.28
C ALA C 75 2.19 -24.54 12.47
N ILE C 76 1.98 -23.83 11.38
CA ILE C 76 1.78 -22.38 11.41
C ILE C 76 0.30 -22.13 11.16
N SER C 77 -0.34 -21.43 12.10
CA SER C 77 -1.78 -21.17 12.05
C SER C 77 -2.03 -19.67 11.98
N GLY C 78 -2.88 -19.26 11.04
CA GLY C 78 -3.24 -17.86 10.94
C GLY C 78 -4.55 -17.53 11.61
N LEU C 79 -5.59 -18.33 11.34
CA LEU C 79 -6.90 -18.10 11.92
C LEU C 79 -7.73 -19.37 11.80
N GLN C 80 -8.16 -19.90 12.94
CA GLN C 80 -9.08 -21.03 13.02
C GLN C 80 -8.53 -22.26 12.27
N SER C 81 -7.41 -22.77 12.79
CA SER C 81 -6.80 -23.98 12.28
C SER C 81 -7.18 -25.19 13.12
N GLU C 82 -8.41 -25.23 13.61
CA GLU C 82 -8.85 -26.28 14.52
C GLU C 82 -8.95 -27.62 13.79
N ASP C 83 -9.17 -28.67 14.57
CA ASP C 83 -9.37 -30.02 14.06
C ASP C 83 -10.56 -30.60 14.83
N GLU C 84 -11.67 -29.86 14.79
CA GLU C 84 -12.81 -30.15 15.65
C GLU C 84 -13.44 -31.50 15.32
N ALA C 85 -14.08 -32.08 16.33
CA ALA C 85 -14.81 -33.34 16.20
C ALA C 85 -15.87 -33.36 17.30
N HIS C 86 -17.14 -33.32 16.91
CA HIS C 86 -18.22 -33.14 17.87
C HIS C 86 -19.08 -34.40 17.97
N TYR C 87 -19.67 -34.58 19.15
CA TYR C 87 -20.62 -35.66 19.40
C TYR C 87 -21.53 -35.17 20.52
N TYR C 88 -22.73 -34.73 20.16
CA TYR C 88 -23.54 -33.89 21.04
C TYR C 88 -24.87 -34.56 21.36
N CYS C 89 -25.23 -34.55 22.64
CA CYS C 89 -26.56 -34.93 23.11
C CYS C 89 -26.93 -36.36 22.69
N ALA C 90 -26.16 -37.30 23.22
CA ALA C 90 -26.43 -38.71 23.03
C ALA C 90 -27.34 -39.24 24.14
N ALA C 91 -27.99 -40.37 23.86
CA ALA C 91 -28.90 -40.97 24.81
C ALA C 91 -28.96 -42.47 24.59
N TRP C 92 -29.40 -43.19 25.62
CA TRP C 92 -29.54 -44.64 25.57
C TRP C 92 -30.45 -45.07 26.70
N ASP C 93 -31.53 -45.78 26.35
CA ASP C 93 -32.52 -46.22 27.32
C ASP C 93 -32.60 -47.74 27.46
N ASP C 94 -32.61 -48.47 26.35
CA ASP C 94 -32.68 -49.94 26.35
C ASP C 94 -33.90 -50.43 27.13
N SER C 95 -35.04 -49.77 26.93
CA SER C 95 -36.27 -50.14 27.61
C SER C 95 -36.81 -51.47 27.08
N GLN D 16 35.35 57.06 -30.21
CA GLN D 16 35.01 56.35 -28.99
C GLN D 16 35.00 54.84 -29.21
N ARG D 17 35.05 54.08 -28.11
CA ARG D 17 35.09 52.63 -28.14
C ARG D 17 34.09 52.06 -27.13
N VAL D 18 32.86 52.56 -27.17
CA VAL D 18 31.83 52.08 -26.27
C VAL D 18 31.56 50.60 -26.53
N THR D 19 31.56 49.80 -25.45
CA THR D 19 31.37 48.36 -25.55
C THR D 19 30.25 47.97 -24.60
N ILE D 20 29.17 47.41 -25.15
CA ILE D 20 28.04 46.91 -24.37
C ILE D 20 27.92 45.42 -24.62
N SER D 21 27.85 44.64 -23.54
CA SER D 21 27.79 43.19 -23.63
C SER D 21 26.82 42.67 -22.57
N CYS D 22 25.62 42.30 -23.00
CA CYS D 22 24.65 41.66 -22.12
C CYS D 22 24.97 40.18 -22.01
N SER D 23 24.16 39.45 -21.25
CA SER D 23 24.32 38.01 -21.11
C SER D 23 22.96 37.35 -21.24
N GLY D 24 22.95 36.03 -21.13
CA GLY D 24 21.73 35.25 -21.30
C GLY D 24 21.70 34.06 -20.38
N SER D 25 20.86 33.08 -20.73
CA SER D 25 20.67 31.89 -19.91
C SER D 25 21.47 30.74 -20.51
N THR D 26 22.75 30.69 -20.16
CA THR D 26 23.63 29.62 -20.59
C THR D 26 23.56 28.47 -19.58
N SER D 27 23.22 27.28 -20.06
CA SER D 27 23.03 26.12 -19.20
C SER D 27 23.81 24.93 -19.73
N ASN D 28 24.27 24.09 -18.80
CA ASN D 28 24.96 22.86 -19.14
C ASN D 28 24.71 21.86 -18.02
N ILE D 29 24.13 20.71 -18.34
CA ILE D 29 23.68 19.79 -17.32
C ILE D 29 24.73 18.72 -17.06
N GLY D 30 25.03 17.91 -18.07
CA GLY D 30 26.13 16.96 -17.98
C GLY D 30 25.81 15.68 -17.23
N GLY D 31 26.14 14.54 -17.81
CA GLY D 31 25.98 13.26 -17.13
C GLY D 31 24.57 12.69 -17.19
N ASN D 32 23.66 13.29 -16.41
CA ASN D 32 22.25 12.91 -16.35
C ASN D 32 22.16 11.49 -15.81
N THR D 33 21.54 10.54 -16.52
CA THR D 33 21.22 9.21 -16.01
C THR D 33 20.42 9.32 -14.72
N VAL D 34 19.24 9.95 -14.83
CA VAL D 34 18.46 10.27 -13.64
C VAL D 34 17.63 9.08 -13.20
N ASN D 35 17.35 8.14 -14.09
CA ASN D 35 16.79 6.82 -13.77
C ASN D 35 15.37 6.88 -13.20
N TRP D 36 14.90 8.08 -12.90
CA TRP D 36 13.55 8.27 -12.34
C TRP D 36 13.25 7.40 -11.14
N PHE D 37 12.02 6.88 -11.06
CA PHE D 37 11.59 6.06 -9.94
C PHE D 37 11.26 4.65 -10.42
N GLN D 38 12.05 3.68 -9.99
CA GLN D 38 11.93 2.31 -10.49
C GLN D 38 11.72 1.34 -9.33
N HIS D 39 11.26 0.14 -9.68
CA HIS D 39 11.05 -0.96 -8.75
C HIS D 39 10.07 -0.56 -7.64
N LEU D 40 8.84 -0.27 -8.07
CA LEU D 40 7.76 0.14 -7.16
C LEU D 40 6.67 -0.93 -7.15
N PRO D 41 6.70 -1.85 -6.18
CA PRO D 41 5.57 -2.77 -6.02
C PRO D 41 4.25 -2.04 -5.84
N GLY D 42 3.17 -2.81 -5.91
CA GLY D 42 1.82 -2.28 -6.04
C GLY D 42 1.42 -1.14 -5.13
N THR D 43 1.19 0.04 -5.73
CA THR D 43 0.70 1.22 -5.04
C THR D 43 -0.71 1.54 -5.54
N ALA D 44 -1.24 2.69 -5.11
CA ALA D 44 -2.56 3.10 -5.53
C ALA D 44 -2.69 4.62 -5.50
N PRO D 45 -2.09 5.33 -6.45
CA PRO D 45 -2.25 6.79 -6.50
C PRO D 45 -3.67 7.18 -6.88
N LYS D 46 -4.32 7.96 -6.03
CA LYS D 46 -5.69 8.41 -6.25
C LYS D 46 -5.82 9.90 -5.94
N LEU D 47 -4.91 10.69 -6.49
CA LEU D 47 -4.92 12.13 -6.25
C LEU D 47 -6.12 12.79 -6.95
N LEU D 48 -6.42 14.02 -6.53
CA LEU D 48 -7.52 14.77 -7.10
C LEU D 48 -7.26 16.25 -6.89
N ILE D 49 -7.47 17.05 -7.93
CA ILE D 49 -7.24 18.49 -7.89
C ILE D 49 -8.51 19.19 -8.36
N TYR D 50 -8.90 20.24 -7.64
CA TYR D 50 -10.12 20.98 -7.98
C TYR D 50 -9.97 22.39 -7.44
N SER D 51 -9.80 23.37 -8.33
CA SER D 51 -9.59 24.76 -7.94
C SER D 51 -10.75 25.61 -8.44
N ASN D 52 -10.95 26.76 -7.77
CA ASN D 52 -12.03 27.67 -8.12
C ASN D 52 -11.60 29.13 -8.03
N ASN D 53 -10.29 29.41 -7.92
CA ASN D 53 -9.80 30.77 -7.79
C ASN D 53 -8.38 30.90 -8.34
N GLN D 54 -7.61 31.85 -7.79
CA GLN D 54 -6.26 32.21 -8.21
C GLN D 54 -6.22 32.87 -9.59
N ARG D 55 -6.84 34.05 -9.70
CA ARG D 55 -6.78 34.88 -10.91
C ARG D 55 -5.80 36.04 -10.68
N PRO D 56 -4.55 35.92 -11.10
CA PRO D 56 -3.59 37.01 -10.93
C PRO D 56 -3.77 38.06 -12.02
N SER D 57 -2.94 39.10 -11.94
CA SER D 57 -2.97 40.20 -12.91
C SER D 57 -1.69 41.01 -12.75
N GLY D 58 -1.54 42.01 -13.62
CA GLY D 58 -0.40 42.92 -13.57
C GLY D 58 -0.53 44.02 -14.60
N VAL D 59 -0.34 45.27 -14.20
CA VAL D 59 -0.56 46.41 -15.10
C VAL D 59 0.64 47.34 -15.12
N PRO D 60 1.76 46.95 -15.73
CA PRO D 60 2.86 47.90 -15.93
C PRO D 60 2.47 49.00 -16.91
N ASP D 61 3.05 50.19 -16.72
CA ASP D 61 2.74 51.33 -17.59
C ASP D 61 3.95 51.79 -18.39
N ARG D 62 5.04 52.16 -17.72
CA ARG D 62 6.21 52.67 -18.45
C ARG D 62 7.22 51.56 -18.75
N PHE D 63 7.75 50.93 -17.71
CA PHE D 63 8.57 49.75 -17.92
C PHE D 63 7.67 48.52 -17.94
N SER D 64 8.25 47.34 -18.18
CA SER D 64 7.46 46.13 -18.28
C SER D 64 8.23 44.86 -17.90
N ALA D 65 7.80 43.74 -18.47
CA ALA D 65 8.25 42.38 -18.17
C ALA D 65 7.65 41.88 -16.86
N SER D 66 6.37 42.17 -16.65
CA SER D 66 5.60 41.46 -15.63
C SER D 66 5.41 40.01 -16.07
N LYS D 67 5.22 39.13 -15.09
CA LYS D 67 5.11 37.70 -15.41
C LYS D 67 4.07 37.08 -14.48
N SER D 68 2.85 36.97 -14.97
CA SER D 68 1.78 36.29 -14.24
C SER D 68 1.95 34.78 -14.38
N GLY D 69 1.65 34.07 -13.30
CA GLY D 69 1.78 32.62 -13.29
C GLY D 69 0.84 31.95 -12.30
N THR D 70 0.11 30.94 -12.77
CA THR D 70 -0.83 30.22 -11.93
C THR D 70 -0.66 28.73 -12.15
N SER D 71 -0.80 27.96 -11.06
CA SER D 71 -0.66 26.52 -11.15
C SER D 71 -1.41 25.86 -10.00
N ALA D 72 -1.94 24.66 -10.26
CA ALA D 72 -2.52 23.80 -9.25
C ALA D 72 -1.97 22.38 -9.40
N SER D 73 -0.72 22.29 -9.83
CA SER D 73 -0.13 21.02 -10.25
C SER D 73 0.32 20.19 -9.06
N LEU D 74 1.16 19.19 -9.31
CA LEU D 74 1.82 18.44 -8.26
C LEU D 74 3.28 18.82 -8.09
N ALA D 75 3.90 19.36 -9.16
CA ALA D 75 5.20 20.02 -9.10
C ALA D 75 6.30 19.09 -8.58
N ILE D 76 6.56 18.06 -9.37
CA ILE D 76 7.75 17.22 -9.21
C ILE D 76 8.72 17.59 -10.33
N SER D 77 9.93 17.99 -9.96
CA SER D 77 10.93 18.44 -10.91
C SER D 77 12.16 17.54 -10.84
N GLY D 78 12.64 17.10 -12.00
CA GLY D 78 13.83 16.29 -12.06
C GLY D 78 15.07 17.08 -12.39
N LEU D 79 14.99 17.91 -13.43
CA LEU D 79 16.14 18.71 -13.86
C LEU D 79 15.64 19.85 -14.74
N GLN D 80 15.90 21.08 -14.32
CA GLN D 80 15.63 22.29 -15.10
C GLN D 80 14.15 22.38 -15.51
N SER D 81 13.32 22.52 -14.48
CA SER D 81 11.88 22.73 -14.66
C SER D 81 11.51 24.19 -14.55
N GLU D 82 12.38 25.08 -15.03
CA GLU D 82 12.18 26.51 -14.88
C GLU D 82 11.00 26.98 -15.73
N ASP D 83 10.63 28.25 -15.51
CA ASP D 83 9.57 28.91 -16.26
C ASP D 83 10.12 30.30 -16.63
N GLU D 84 11.29 30.30 -17.27
CA GLU D 84 12.04 31.53 -17.47
C GLU D 84 11.30 32.50 -18.39
N ALA D 85 11.60 33.79 -18.21
CA ALA D 85 11.05 34.85 -19.04
C ALA D 85 12.03 36.02 -18.97
N HIS D 86 12.68 36.34 -20.08
CA HIS D 86 13.77 37.29 -20.10
C HIS D 86 13.38 38.57 -20.83
N TYR D 87 14.01 39.67 -20.42
CA TYR D 87 13.85 40.96 -21.10
C TYR D 87 15.14 41.74 -20.80
N TYR D 88 16.03 41.78 -21.79
CA TYR D 88 17.43 42.13 -21.56
C TYR D 88 17.83 43.37 -22.35
N CYS D 89 18.49 44.30 -21.68
CA CYS D 89 19.16 45.45 -22.30
C CYS D 89 18.17 46.30 -23.12
N ALA D 90 17.22 46.87 -22.40
CA ALA D 90 16.27 47.80 -23.00
C ALA D 90 16.80 49.24 -22.92
N ALA D 91 16.25 50.10 -23.77
CA ALA D 91 16.68 51.49 -23.82
C ALA D 91 15.53 52.36 -24.30
N TRP D 92 15.63 53.65 -24.00
CA TRP D 92 14.61 54.62 -24.39
C TRP D 92 15.24 56.01 -24.30
N ASP D 93 15.22 56.75 -25.40
CA ASP D 93 15.81 58.08 -25.47
C ASP D 93 14.79 59.18 -25.70
N ASP D 94 13.87 58.99 -26.64
CA ASP D 94 12.84 59.99 -26.97
C ASP D 94 13.46 61.34 -27.32
N SER D 95 14.54 61.31 -28.11
CA SER D 95 15.22 62.52 -28.52
C SER D 95 14.37 63.32 -29.51
N GLN E 16 35.88 58.68 -25.79
CA GLN E 16 35.54 57.97 -24.57
C GLN E 16 35.56 56.46 -24.79
N ARG E 17 35.63 55.70 -23.70
CA ARG E 17 35.68 54.25 -23.73
C ARG E 17 34.71 53.66 -22.72
N VAL E 18 33.47 54.14 -22.76
CA VAL E 18 32.44 53.65 -21.84
C VAL E 18 32.20 52.17 -22.10
N THR E 19 32.22 51.37 -21.04
CA THR E 19 32.05 49.92 -21.14
C THR E 19 30.94 49.50 -20.18
N ILE E 20 29.87 48.93 -20.73
CA ILE E 20 28.75 48.42 -19.94
C ILE E 20 28.65 46.92 -20.19
N SER E 21 28.60 46.14 -19.11
CA SER E 21 28.56 44.68 -19.21
C SER E 21 27.60 44.15 -18.15
N CYS E 22 26.40 43.76 -18.56
CA CYS E 22 25.45 43.11 -17.68
C CYS E 22 25.79 41.63 -17.58
N SER E 23 25.00 40.88 -16.82
CA SER E 23 25.18 39.45 -16.68
C SER E 23 23.82 38.77 -16.81
N GLY E 24 23.84 37.44 -16.71
CA GLY E 24 22.63 36.65 -16.87
C GLY E 24 22.61 35.46 -15.95
N SER E 25 21.79 34.46 -16.30
CA SER E 25 21.62 33.27 -15.47
C SER E 25 22.44 32.13 -16.10
N THR E 26 23.72 32.10 -15.75
CA THR E 26 24.62 31.04 -16.20
C THR E 26 24.56 29.90 -15.19
N SER E 27 24.24 28.70 -15.67
CA SER E 27 24.08 27.54 -14.81
C SER E 27 24.87 26.36 -15.35
N ASN E 28 25.34 25.53 -14.43
CA ASN E 28 26.06 24.30 -14.78
C ASN E 28 25.83 23.30 -13.65
N ILE E 29 25.27 22.14 -13.99
CA ILE E 29 24.82 21.21 -12.96
C ILE E 29 25.90 20.16 -12.71
N GLY E 30 26.21 19.35 -13.72
CA GLY E 30 27.31 18.41 -13.64
C GLY E 30 27.01 17.13 -12.89
N GLY E 31 27.37 16.00 -13.48
CA GLY E 31 27.23 14.71 -12.81
C GLY E 31 25.83 14.13 -12.86
N ASN E 32 24.92 14.71 -12.07
CA ASN E 32 23.50 14.30 -12.01
C ASN E 32 23.45 12.87 -11.46
N THR E 33 22.84 11.93 -12.18
CA THR E 33 22.54 10.59 -11.67
C THR E 33 21.73 10.67 -10.37
N VAL E 34 20.56 11.29 -10.47
CA VAL E 34 19.78 11.61 -9.29
C VAL E 34 18.96 10.40 -8.83
N ASN E 35 18.70 9.45 -9.73
CA ASN E 35 18.15 8.13 -9.41
C ASN E 35 16.74 8.17 -8.84
N TRP E 36 16.25 9.36 -8.52
CA TRP E 36 14.91 9.53 -7.96
C TRP E 36 14.62 8.64 -6.74
N PHE E 37 13.40 8.11 -6.67
CA PHE E 37 12.99 7.28 -5.55
C PHE E 37 12.67 5.87 -6.03
N GLN E 38 13.49 4.90 -5.61
CA GLN E 38 13.39 3.53 -6.11
C GLN E 38 13.20 2.56 -4.96
N HIS E 39 12.76 1.35 -5.31
CA HIS E 39 12.56 0.25 -4.37
C HIS E 39 11.58 0.62 -3.27
N LEU E 40 10.34 0.91 -3.69
CA LEU E 40 9.27 1.29 -2.76
C LEU E 40 8.20 0.21 -2.74
N PRO E 41 8.24 -0.72 -1.79
CA PRO E 41 7.13 -1.66 -1.62
C PRO E 41 5.80 -0.95 -1.43
N GLY E 42 4.72 -1.73 -1.50
CA GLY E 42 3.37 -1.23 -1.61
C GLY E 42 2.96 -0.08 -0.71
N THR E 43 2.70 1.08 -1.29
CA THR E 43 2.21 2.26 -0.60
C THR E 43 0.79 2.56 -1.08
N ALA E 44 0.25 3.70 -0.65
CA ALA E 44 -1.08 4.09 -1.06
C ALA E 44 -1.24 5.61 -1.02
N PRO E 45 -0.66 6.34 -1.97
CA PRO E 45 -0.84 7.80 -2.01
C PRO E 45 -2.26 8.15 -2.39
N LYS E 46 -2.92 8.93 -1.53
CA LYS E 46 -4.30 9.36 -1.73
C LYS E 46 -4.45 10.84 -1.42
N LEU E 47 -3.56 11.66 -1.98
CA LEU E 47 -3.59 13.09 -1.73
C LEU E 47 -4.79 13.73 -2.41
N LEU E 48 -5.10 14.95 -1.99
CA LEU E 48 -6.22 15.69 -2.55
C LEU E 48 -5.98 17.19 -2.33
N ILE E 49 -6.21 17.98 -3.38
CA ILE E 49 -6.01 19.42 -3.33
C ILE E 49 -7.28 20.11 -3.79
N TYR E 50 -7.69 21.14 -3.06
CA TYR E 50 -8.91 21.87 -3.40
C TYR E 50 -8.78 23.28 -2.84
N SER E 51 -8.63 24.27 -3.73
CA SER E 51 -8.45 25.66 -3.35
C SER E 51 -9.61 26.50 -3.83
N ASN E 52 -9.83 27.63 -3.15
CA ASN E 52 -10.93 28.52 -3.49
C ASN E 52 -10.51 30.00 -3.40
N ASN E 53 -9.21 30.30 -3.30
CA ASN E 53 -8.74 31.67 -3.15
C ASN E 53 -7.33 31.82 -3.72
N GLN E 54 -6.58 32.78 -3.18
CA GLN E 54 -5.23 33.15 -3.62
C GLN E 54 -5.20 33.83 -4.98
N ARG E 55 -5.83 35.00 -5.08
CA ARG E 55 -5.80 35.82 -6.28
C ARG E 55 -4.84 36.99 -6.07
N PRO E 56 -3.59 36.89 -6.49
CA PRO E 56 -2.64 37.99 -6.33
C PRO E 56 -2.85 39.06 -7.40
N SER E 57 -2.03 40.10 -7.34
CA SER E 57 -2.09 41.21 -8.29
C SER E 57 -0.81 42.04 -8.14
N GLY E 58 -0.68 43.04 -9.01
CA GLY E 58 0.44 43.97 -8.97
C GLY E 58 0.29 45.07 -10.00
N VAL E 59 0.47 46.32 -9.58
CA VAL E 59 0.22 47.46 -10.47
C VAL E 59 1.41 48.41 -10.51
N PRO E 60 2.52 48.04 -11.13
CA PRO E 60 3.61 49.01 -11.32
C PRO E 60 3.21 50.10 -12.30
N ASP E 61 3.75 51.30 -12.11
CA ASP E 61 3.43 52.43 -12.97
C ASP E 61 4.63 52.92 -13.78
N ARG E 62 5.73 53.29 -13.12
CA ARG E 62 6.88 53.83 -13.85
C ARG E 62 7.90 52.75 -14.16
N PHE E 63 8.45 52.11 -13.13
CA PHE E 63 9.28 50.94 -13.34
C PHE E 63 8.39 49.70 -13.37
N SER E 64 9.00 48.53 -13.61
CA SER E 64 8.22 47.31 -13.72
C SER E 64 9.01 46.06 -13.35
N ALA E 65 8.60 44.92 -13.92
CA ALA E 65 9.06 43.57 -13.63
C ALA E 65 8.48 43.06 -12.31
N SER E 66 7.20 43.33 -12.09
CA SER E 66 6.45 42.61 -11.07
C SER E 66 6.27 41.15 -11.51
N LYS E 67 6.11 40.26 -10.54
CA LYS E 67 6.01 38.84 -10.86
C LYS E 67 4.99 38.19 -9.93
N SER E 68 3.76 38.08 -10.41
CA SER E 68 2.72 37.38 -9.68
C SER E 68 2.90 35.87 -9.82
N GLY E 69 2.63 35.15 -8.73
CA GLY E 69 2.76 33.71 -8.74
C GLY E 69 1.85 33.02 -7.74
N THR E 70 1.13 32.00 -8.21
CA THR E 70 0.20 31.25 -7.37
C THR E 70 0.40 29.77 -7.59
N SER E 71 0.28 29.00 -6.51
CA SER E 71 0.43 27.55 -6.60
C SER E 71 -0.30 26.88 -5.45
N ALA E 72 -0.80 25.69 -5.71
CA ALA E 72 -1.36 24.80 -4.69
C ALA E 72 -0.80 23.40 -4.86
N SER E 73 0.45 23.32 -5.30
CA SER E 73 1.06 22.07 -5.74
C SER E 73 1.52 21.25 -4.53
N LEU E 74 2.37 20.25 -4.80
CA LEU E 74 3.05 19.50 -3.76
C LEU E 74 4.51 19.91 -3.60
N ALA E 75 5.11 20.46 -4.67
CA ALA E 75 6.41 21.15 -4.62
C ALA E 75 7.53 20.22 -4.10
N ILE E 76 7.80 19.19 -4.91
CA ILE E 76 9.00 18.39 -4.76
C ILE E 76 9.95 18.76 -5.88
N SER E 77 11.16 19.18 -5.51
CA SER E 77 12.15 19.65 -6.47
C SER E 77 13.38 18.77 -6.41
N GLY E 78 13.86 18.34 -7.57
CA GLY E 78 15.07 17.54 -7.64
C GLY E 78 16.30 18.36 -7.98
N LEU E 79 16.20 19.18 -9.02
CA LEU E 79 17.32 20.01 -9.45
C LEU E 79 16.81 21.14 -10.33
N GLN E 80 17.05 22.38 -9.90
CA GLN E 80 16.77 23.59 -10.68
C GLN E 80 15.28 23.65 -11.07
N SER E 81 14.45 23.77 -10.04
CA SER E 81 13.01 23.96 -10.20
C SER E 81 12.62 25.42 -10.08
N GLU E 82 13.47 26.32 -10.57
CA GLU E 82 13.25 27.75 -10.41
C GLU E 82 12.06 28.22 -11.26
N ASP E 83 11.67 29.47 -11.03
CA ASP E 83 10.60 30.12 -11.78
C ASP E 83 11.12 31.51 -12.14
N GLU E 84 12.28 31.54 -12.78
CA GLU E 84 13.02 32.78 -12.99
C GLU E 84 12.26 33.75 -13.89
N ALA E 85 12.54 35.03 -13.71
CA ALA E 85 11.98 36.09 -14.55
C ALA E 85 12.93 37.27 -14.46
N HIS E 86 13.56 37.60 -15.59
CA HIS E 86 14.65 38.57 -15.60
C HIS E 86 14.24 39.84 -16.34
N TYR E 87 14.85 40.96 -15.92
CA TYR E 87 14.67 42.25 -16.59
C TYR E 87 15.94 43.04 -16.31
N TYR E 88 16.83 43.10 -17.30
CA TYR E 88 18.22 43.47 -17.07
C TYR E 88 18.59 44.71 -17.86
N CYS E 89 19.26 45.66 -17.19
CA CYS E 89 19.90 46.82 -17.81
C CYS E 89 18.90 47.64 -18.62
N ALA E 90 17.93 48.21 -17.90
CA ALA E 90 16.97 49.13 -18.48
C ALA E 90 17.49 50.56 -18.40
N ALA E 91 16.91 51.42 -19.24
CA ALA E 91 17.32 52.83 -19.29
C ALA E 91 16.16 53.68 -19.76
N TRP E 92 16.24 54.97 -19.46
CA TRP E 92 15.21 55.93 -19.84
C TRP E 92 15.82 57.32 -19.75
N ASP E 93 15.78 58.07 -20.85
CA ASP E 93 16.35 59.41 -20.90
C ASP E 93 15.31 60.49 -21.13
N ASP E 94 14.38 60.30 -22.07
CA ASP E 94 13.34 61.28 -22.39
C ASP E 94 13.94 62.64 -22.75
N SER E 95 15.01 62.62 -23.53
CA SER E 95 15.67 63.85 -23.94
C SER E 95 14.81 64.64 -24.93
N GLN F 16 36.47 60.24 -21.29
CA GLN F 16 36.16 59.52 -20.07
C GLN F 16 36.19 58.01 -20.29
N ARG F 17 36.28 57.26 -19.20
CA ARG F 17 36.35 55.80 -19.24
C ARG F 17 35.38 55.19 -18.23
N VAL F 18 34.14 55.67 -18.25
CA VAL F 18 33.12 55.15 -17.34
C VAL F 18 32.90 53.67 -17.60
N THR F 19 32.93 52.87 -16.54
CA THR F 19 32.77 51.42 -16.64
C THR F 19 31.67 50.99 -15.67
N ILE F 20 30.60 50.41 -16.22
CA ILE F 20 29.50 49.88 -15.44
C ILE F 20 29.42 48.38 -15.69
N SER F 21 29.38 47.60 -14.61
CA SER F 21 29.35 46.14 -14.72
C SER F 21 28.41 45.59 -13.65
N CYS F 22 27.21 45.19 -14.08
CA CYS F 22 26.27 44.53 -13.17
C CYS F 22 26.64 43.05 -13.08
N SER F 23 25.85 42.29 -12.32
CA SER F 23 26.06 40.85 -12.19
C SER F 23 24.71 40.15 -12.31
N GLY F 24 24.73 38.84 -12.22
CA GLY F 24 23.54 38.03 -12.38
C GLY F 24 23.54 36.83 -11.45
N SER F 25 22.73 35.83 -11.81
CA SER F 25 22.58 34.63 -10.99
C SER F 25 23.40 33.51 -11.61
N THR F 26 24.69 33.49 -11.27
CA THR F 26 25.59 32.44 -11.71
C THR F 26 25.57 31.30 -10.72
N SER F 27 25.26 30.09 -11.19
CA SER F 27 25.11 28.93 -10.34
C SER F 27 25.91 27.76 -10.89
N ASN F 28 26.40 26.92 -9.97
CA ASN F 28 27.12 25.71 -10.32
C ASN F 28 26.91 24.71 -9.20
N ILE F 29 26.36 23.55 -9.53
CA ILE F 29 25.94 22.60 -8.50
C ILE F 29 27.03 21.57 -8.26
N GLY F 30 27.34 20.76 -9.28
CA GLY F 30 28.46 19.84 -9.21
C GLY F 30 28.18 18.56 -8.46
N GLY F 31 28.54 17.41 -9.05
CA GLY F 31 28.42 16.14 -8.39
C GLY F 31 27.03 15.54 -8.42
N ASN F 32 26.12 16.10 -7.63
CA ASN F 32 24.71 15.68 -7.57
C ASN F 32 24.66 14.25 -7.03
N THR F 33 24.06 13.30 -7.75
CA THR F 33 23.79 11.95 -7.24
C THR F 33 22.99 12.03 -5.94
N VAL F 34 21.80 12.63 -6.03
CA VAL F 34 21.02 12.92 -4.84
C VAL F 34 20.23 11.70 -4.39
N ASN F 35 19.97 10.76 -5.29
CA ASN F 35 19.45 9.43 -4.97
C ASN F 35 18.03 9.45 -4.39
N TRP F 36 17.53 10.63 -4.07
CA TRP F 36 16.18 10.79 -3.50
C TRP F 36 15.91 9.89 -2.29
N PHE F 37 14.70 9.34 -2.21
CA PHE F 37 14.31 8.50 -1.09
C PHE F 37 14.00 7.09 -1.57
N GLN F 38 14.83 6.13 -1.16
CA GLN F 38 14.74 4.77 -1.66
C GLN F 38 14.57 3.79 -0.51
N HIS F 39 14.14 2.58 -0.86
CA HIS F 39 13.97 1.47 0.07
C HIS F 39 12.98 1.84 1.18
N LEU F 40 11.74 2.10 0.77
CA LEU F 40 10.67 2.46 1.69
C LEU F 40 9.62 1.37 1.71
N PRO F 41 9.66 0.45 2.66
CA PRO F 41 8.57 -0.52 2.84
C PRO F 41 7.23 0.19 3.03
N GLY F 42 6.17 -0.62 2.97
CA GLY F 42 4.81 -0.12 2.86
C GLY F 42 4.38 1.01 3.77
N THR F 43 4.11 2.18 3.19
CA THR F 43 3.60 3.35 3.88
C THR F 43 2.18 3.63 3.41
N ALA F 44 1.63 4.76 3.85
CA ALA F 44 0.28 5.14 3.45
C ALA F 44 0.11 6.65 3.48
N PRO F 45 0.69 7.39 2.53
CA PRO F 45 0.49 8.85 2.50
C PRO F 45 -0.95 9.20 2.13
N LYS F 46 -1.61 9.95 2.99
CA LYS F 46 -2.99 10.36 2.79
C LYS F 46 -3.16 11.85 3.10
N LEU F 47 -2.28 12.67 2.55
CA LEU F 47 -2.33 14.10 2.80
C LEU F 47 -3.55 14.73 2.12
N LEU F 48 -3.87 15.95 2.55
CA LEU F 48 -5.00 16.68 2.00
C LEU F 48 -4.78 18.16 2.21
N ILE F 49 -5.02 18.96 1.17
CA ILE F 49 -4.84 20.41 1.21
C ILE F 49 -6.12 21.08 0.76
N TYR F 50 -6.54 22.11 1.50
CA TYR F 50 -7.78 22.83 1.17
C TYR F 50 -7.66 24.24 1.73
N SER F 51 -7.53 25.22 0.85
CA SER F 51 -7.35 26.61 1.23
C SER F 51 -8.54 27.44 0.75
N ASN F 52 -8.76 28.57 1.43
CA ASN F 52 -9.87 29.45 1.10
C ASN F 52 -9.48 30.93 1.19
N ASN F 53 -8.18 31.24 1.29
CA ASN F 53 -7.71 32.62 1.43
C ASN F 53 -6.31 32.79 0.86
N GLN F 54 -5.57 33.76 1.41
CA GLN F 54 -4.23 34.15 0.97
C GLN F 54 -4.22 34.83 -0.39
N ARG F 55 -4.87 35.99 -0.49
CA ARG F 55 -4.84 36.82 -1.70
C ARG F 55 -3.90 38.00 -1.47
N PRO F 56 -2.65 37.92 -1.91
CA PRO F 56 -1.71 39.04 -1.75
C PRO F 56 -1.94 40.10 -2.81
N SER F 57 -1.13 41.15 -2.75
CA SER F 57 -1.21 42.26 -3.70
C SER F 57 0.06 43.10 -3.56
N GLY F 58 0.18 44.11 -4.42
CA GLY F 58 1.28 45.05 -4.38
C GLY F 58 1.11 46.15 -5.40
N VAL F 59 1.28 47.41 -4.99
CA VAL F 59 1.01 48.54 -5.88
C VAL F 59 2.19 49.51 -5.91
N PRO F 60 3.31 49.15 -6.54
CA PRO F 60 4.38 50.13 -6.73
C PRO F 60 3.96 51.22 -7.71
N ASP F 61 4.51 52.43 -7.52
CA ASP F 61 4.16 53.56 -8.38
C ASP F 61 5.35 54.06 -9.19
N ARG F 62 6.44 54.46 -8.52
CA ARG F 62 7.58 55.00 -9.26
C ARG F 62 8.61 53.93 -9.58
N PHE F 63 9.18 53.30 -8.55
CA PHE F 63 10.03 52.14 -8.77
C PHE F 63 9.15 50.88 -8.79
N SER F 64 9.77 49.73 -9.04
CA SER F 64 9.01 48.50 -9.14
C SER F 64 9.82 47.26 -8.78
N ALA F 65 9.42 46.11 -9.35
CA ALA F 65 9.89 44.77 -9.07
C ALA F 65 9.32 44.25 -7.75
N SER F 66 8.04 44.50 -7.53
CA SER F 66 7.30 43.76 -6.50
C SER F 66 7.15 42.32 -6.95
N LYS F 67 6.99 41.42 -5.97
CA LYS F 67 6.92 39.99 -6.31
C LYS F 67 5.91 39.33 -5.36
N SER F 68 4.68 39.20 -5.85
CA SER F 68 3.64 38.49 -5.12
C SER F 68 3.84 36.98 -5.26
N GLY F 69 3.58 36.26 -4.17
CA GLY F 69 3.73 34.81 -4.18
C GLY F 69 2.84 34.11 -3.19
N THR F 70 2.13 33.08 -3.65
CA THR F 70 1.21 32.33 -2.81
C THR F 70 1.43 30.84 -3.03
N SER F 71 1.32 30.07 -1.96
CA SER F 71 1.49 28.62 -2.06
C SER F 71 0.78 27.94 -0.89
N ALA F 72 0.28 26.74 -1.16
CA ALA F 72 -0.27 25.85 -0.14
C ALA F 72 0.31 24.46 -0.32
N SER F 73 1.56 24.39 -0.76
CA SER F 73 2.19 23.15 -1.20
C SER F 73 2.67 22.33 -0.01
N LEU F 74 3.52 21.35 -0.28
CA LEU F 74 4.22 20.60 0.77
C LEU F 74 5.68 21.03 0.92
N ALA F 75 6.26 21.58 -0.15
CA ALA F 75 7.55 22.29 -0.10
C ALA F 75 8.67 21.38 0.40
N ILE F 76 8.97 20.36 -0.41
CA ILE F 76 10.18 19.56 -0.26
C ILE F 76 11.12 19.95 -1.38
N SER F 77 12.33 20.38 -1.02
CA SER F 77 13.31 20.87 -1.98
C SER F 77 14.55 20.00 -1.92
N GLY F 78 15.04 19.58 -3.09
CA GLY F 78 16.25 18.80 -3.16
C GLY F 78 17.46 19.63 -3.51
N LEU F 79 17.35 20.46 -4.55
CA LEU F 79 18.46 21.31 -4.98
C LEU F 79 17.93 22.43 -5.85
N GLN F 80 18.16 23.67 -5.42
CA GLN F 80 17.85 24.87 -6.20
C GLN F 80 16.36 24.92 -6.58
N SER F 81 15.54 25.03 -5.55
CA SER F 81 14.10 25.19 -5.71
C SER F 81 13.69 26.66 -5.58
N GLU F 82 14.53 27.57 -6.07
CA GLU F 82 14.29 28.99 -5.90
C GLU F 82 13.09 29.45 -6.75
N ASP F 83 12.69 30.69 -6.51
CA ASP F 83 11.60 31.33 -7.25
C ASP F 83 12.11 32.73 -7.62
N GLU F 84 13.27 32.78 -8.26
CA GLU F 84 13.98 34.02 -8.47
C GLU F 84 13.22 34.98 -9.37
N ALA F 85 13.48 36.27 -9.19
CA ALA F 85 12.90 37.33 -10.01
C ALA F 85 13.85 38.52 -9.94
N HIS F 86 14.47 38.87 -11.06
CA HIS F 86 15.54 39.85 -11.07
C HIS F 86 15.11 41.12 -11.81
N TYR F 87 15.71 42.23 -11.40
CA TYR F 87 15.50 43.52 -12.06
C TYR F 87 16.78 44.33 -11.78
N TYR F 88 17.67 44.40 -12.77
CA TYR F 88 19.05 44.79 -12.54
C TYR F 88 19.40 46.05 -13.33
N CYS F 89 20.05 46.99 -12.65
CA CYS F 89 20.68 48.17 -13.28
C CYS F 89 19.66 48.98 -14.09
N ALA F 90 18.70 49.53 -13.36
CA ALA F 90 17.72 50.44 -13.93
C ALA F 90 18.21 51.88 -13.85
N ALA F 91 17.63 52.74 -14.69
CA ALA F 91 18.02 54.14 -14.73
C ALA F 91 16.84 54.98 -15.21
N TRP F 92 16.91 56.27 -14.90
CA TRP F 92 15.87 57.22 -15.28
C TRP F 92 16.45 58.62 -15.18
N ASP F 93 16.41 59.37 -16.28
CA ASP F 93 16.95 60.72 -16.34
C ASP F 93 15.90 61.79 -16.56
N ASP F 94 14.97 61.58 -17.49
CA ASP F 94 13.92 62.55 -17.80
C ASP F 94 14.50 63.91 -18.16
N SER F 95 15.57 63.92 -18.95
CA SER F 95 16.22 65.16 -19.37
C SER F 95 15.34 65.94 -20.34
#